data_6GBG
#
_entry.id   6GBG
#
_cell.length_a   94.430
_cell.length_b   94.430
_cell.length_c   119.700
_cell.angle_alpha   90.00
_cell.angle_beta   90.00
_cell.angle_gamma   120.00
#
_symmetry.space_group_name_H-M   'P 32 2 1'
#
loop_
_entity.id
_entity.type
_entity.pdbx_description
1 polymer 'Carcinoembryonic antigen-related cell adhesion molecule 1'
2 polymer 'Outer membrane protein'
3 non-polymer 'BROMIDE ION'
4 water water
#
loop_
_entity_poly.entity_id
_entity_poly.type
_entity_poly.pdbx_seq_one_letter_code
_entity_poly.pdbx_strand_id
1 'polypeptide(L)'
;MQLTTESMPFNVAEGKEVLLLVHNLPQQLFGYSWYKGERVDGNRQIVGYAIGTQQATPGPANSGRETIYPNASLLIQNVT
QNDTGFYTLQVIKSDLVNEEATGQFHVYPHHHHHH
;
D
2 'polypeptide(L)'
;MNADKVQKLSDTYEQLSRLLTNDNGTNSKTSAQAINQAVNNLNERAKTLAGGTTNSPAYQATLLALRSVLGLWNSMGYAV
ICGGYTKSPGENNQKDFHYTDENGNGTTINCGGSTNSNGTHSYNGTNTLKADKNVSLSIEQYEKIHEAYQILSKALKQAG
LAPLNSKGEKLEAHVTTSKYQQDNQTKTTTSVIDTTNDAQNLLTQAQTIVNTLKDYCPILIAKSSSSNGGTNNANTPSWQ
TAGGGKNSCATFGAEFSAASDMINNAQKIVQETQQLSANQPKNITQPHNLNLNSPSSLTALAQKMLKNAQSQAEILKLAN
QVESDFNKLSSGHLKDYIGKCDASAISSANMTMQNQKNNWGNGCAGVEETQSLLKTSAADFNNQTPQINQAQNLANTLIQ
ELGNNHHHHHH
;
A
#
loop_
_chem_comp.id
_chem_comp.type
_chem_comp.name
_chem_comp.formula
BR non-polymer 'BROMIDE ION' 'Br -1'
#
# COMPACT_ATOMS: atom_id res chain seq x y z
N MET A 1 21.36 -25.32 -12.48
CA MET A 1 20.65 -26.56 -12.87
C MET A 1 19.17 -26.26 -13.09
N GLN A 2 18.61 -26.82 -14.16
CA GLN A 2 17.20 -26.63 -14.53
C GLN A 2 16.28 -27.56 -13.74
N LEU A 3 15.05 -27.11 -13.58
CA LEU A 3 14.09 -27.76 -12.69
C LEU A 3 13.61 -29.06 -13.27
N THR A 4 13.97 -30.15 -12.60
CA THR A 4 13.52 -31.47 -13.01
C THR A 4 12.40 -31.92 -12.07
N THR A 5 11.69 -32.96 -12.48
CA THR A 5 10.82 -33.71 -11.61
C THR A 5 10.98 -35.21 -11.91
N GLU A 6 10.51 -36.06 -11.00
CA GLU A 6 10.77 -37.49 -11.08
C GLU A 6 9.77 -38.25 -10.21
N SER A 7 9.28 -39.38 -10.70
CA SER A 7 8.24 -40.12 -10.01
C SER A 7 8.76 -41.39 -9.36
N MET A 8 8.32 -41.63 -8.13
CA MET A 8 8.80 -42.73 -7.33
C MET A 8 7.56 -43.49 -6.81
N PRO A 9 7.19 -44.60 -7.48
CA PRO A 9 7.81 -45.17 -8.68
C PRO A 9 7.24 -44.56 -9.98
N PHE A 10 7.81 -44.93 -11.12
CA PHE A 10 7.29 -44.50 -12.43
C PHE A 10 6.06 -45.34 -12.84
N ASN A 11 6.11 -46.64 -12.51
CA ASN A 11 4.98 -47.54 -12.68
C ASN A 11 4.33 -47.88 -11.35
N VAL A 12 3.05 -47.51 -11.23
CA VAL A 12 2.33 -47.53 -9.94
C VAL A 12 1.12 -48.47 -9.91
N ALA A 13 1.19 -49.49 -9.05
CA ALA A 13 0.04 -50.31 -8.72
C ALA A 13 -1.17 -49.52 -8.22
N GLU A 14 -2.28 -49.61 -8.95
CA GLU A 14 -3.57 -49.10 -8.52
C GLU A 14 -3.82 -49.44 -7.06
N GLY A 15 -4.35 -48.47 -6.32
CA GLY A 15 -4.54 -48.60 -4.88
C GLY A 15 -3.43 -47.98 -4.02
N LYS A 16 -2.26 -47.76 -4.60
CA LYS A 16 -1.06 -47.39 -3.83
C LYS A 16 -0.63 -45.92 -4.03
N GLU A 17 0.65 -45.63 -3.72
CA GLU A 17 1.17 -44.28 -3.51
C GLU A 17 2.12 -43.88 -4.63
N VAL A 18 2.21 -42.60 -4.93
CA VAL A 18 3.30 -42.12 -5.77
C VAL A 18 3.76 -40.73 -5.33
N LEU A 19 5.07 -40.56 -5.42
CA LEU A 19 5.73 -39.37 -4.95
C LEU A 19 6.41 -38.73 -6.11
N LEU A 20 6.02 -37.51 -6.40
CA LEU A 20 6.65 -36.74 -7.44
C LEU A 20 7.70 -35.89 -6.79
N LEU A 21 8.93 -36.36 -6.86
CA LEU A 21 10.08 -35.63 -6.38
C LEU A 21 10.42 -34.47 -7.30
N VAL A 22 10.97 -33.40 -6.73
CA VAL A 22 11.40 -32.24 -7.50
C VAL A 22 12.86 -31.92 -7.27
N HIS A 23 13.70 -32.05 -8.29
CA HIS A 23 15.10 -31.66 -8.21
C HIS A 23 15.34 -30.23 -8.71
N ASN A 24 16.40 -29.62 -8.18
CA ASN A 24 16.80 -28.23 -8.41
C ASN A 24 15.75 -27.17 -8.14
N LEU A 25 14.95 -27.29 -7.08
CA LEU A 25 14.11 -26.17 -6.66
C LEU A 25 15.02 -24.97 -6.37
N PRO A 26 14.66 -23.77 -6.86
CA PRO A 26 15.38 -22.59 -6.42
C PRO A 26 15.10 -22.30 -4.97
N GLN A 27 16.07 -21.71 -4.30
CA GLN A 27 15.99 -21.52 -2.85
C GLN A 27 15.01 -20.45 -2.41
N GLN A 28 14.89 -19.38 -3.19
CA GLN A 28 13.98 -18.26 -2.88
C GLN A 28 12.75 -18.27 -3.81
N LEU A 29 11.59 -18.43 -3.20
CA LEU A 29 10.35 -18.69 -3.90
C LEU A 29 9.15 -17.93 -3.35
N PHE A 30 8.31 -17.45 -4.27
CA PHE A 30 6.98 -16.94 -3.91
C PHE A 30 6.04 -18.09 -3.64
N GLY A 31 6.03 -19.07 -4.51
CA GLY A 31 5.16 -20.22 -4.35
C GLY A 31 5.22 -21.24 -5.49
N TYR A 32 4.29 -22.17 -5.49
CA TYR A 32 4.21 -23.08 -6.60
C TYR A 32 2.88 -23.76 -6.75
N SER A 33 2.70 -24.32 -7.93
CA SER A 33 1.46 -24.97 -8.27
C SER A 33 1.72 -26.24 -9.07
N TRP A 34 0.95 -27.27 -8.75
CA TRP A 34 0.84 -28.47 -9.58
C TRP A 34 -0.44 -28.53 -10.44
N TYR A 35 -0.32 -29.19 -11.57
CA TYR A 35 -1.42 -29.31 -12.51
C TYR A 35 -1.43 -30.66 -13.10
N LYS A 36 -2.62 -31.09 -13.46
CA LYS A 36 -2.80 -32.30 -14.21
C LYS A 36 -2.77 -31.87 -15.67
N GLY A 37 -1.95 -32.57 -16.43
CA GLY A 37 -1.72 -32.29 -17.83
C GLY A 37 -0.27 -31.92 -18.02
N GLU A 38 0.07 -31.50 -19.24
CA GLU A 38 1.41 -31.13 -19.60
C GLU A 38 1.59 -29.62 -19.54
N ARG A 39 0.59 -28.92 -19.00
CA ARG A 39 0.56 -27.46 -19.09
C ARG A 39 0.10 -26.78 -17.79
N VAL A 40 0.56 -25.55 -17.63
CA VAL A 40 0.05 -24.72 -16.58
C VAL A 40 -1.31 -24.20 -17.03
N ASP A 41 -2.34 -24.45 -16.21
CA ASP A 41 -3.71 -24.25 -16.62
C ASP A 41 -4.60 -24.14 -15.39
N GLY A 42 -5.27 -23.00 -15.25
CA GLY A 42 -6.04 -22.69 -14.06
C GLY A 42 -7.04 -23.77 -13.69
N ASN A 43 -7.79 -24.21 -14.70
CA ASN A 43 -8.85 -25.16 -14.47
C ASN A 43 -8.38 -26.57 -14.14
N ARG A 44 -7.09 -26.85 -14.30
CA ARG A 44 -6.52 -28.17 -14.01
C ARG A 44 -5.46 -28.12 -12.92
N GLN A 45 -5.53 -27.11 -12.06
CA GLN A 45 -4.63 -27.02 -10.93
C GLN A 45 -5.11 -27.95 -9.84
N ILE A 46 -4.19 -28.84 -9.47
CA ILE A 46 -4.34 -29.74 -8.34
C ILE A 46 -4.20 -29.00 -7.01
N VAL A 47 -3.16 -28.18 -6.88
CA VAL A 47 -2.92 -27.40 -5.66
C VAL A 47 -1.87 -26.29 -5.84
N GLY A 48 -2.03 -25.21 -5.09
CA GLY A 48 -1.08 -24.11 -5.04
C GLY A 48 -0.53 -23.92 -3.63
N TYR A 49 0.73 -23.53 -3.50
CA TYR A 49 1.34 -23.32 -2.17
C TYR A 49 2.08 -21.99 -2.12
N ALA A 50 1.67 -21.14 -1.18
CA ALA A 50 2.31 -19.84 -0.92
C ALA A 50 3.30 -19.98 0.23
N ILE A 51 4.58 -19.84 -0.08
CA ILE A 51 5.60 -19.76 0.97
C ILE A 51 5.18 -18.76 2.06
N GLY A 52 4.80 -17.56 1.62
CA GLY A 52 4.26 -16.50 2.46
C GLY A 52 3.36 -16.89 3.63
N THR A 53 2.49 -17.88 3.43
CA THR A 53 1.54 -18.28 4.48
C THR A 53 1.73 -19.71 4.89
N GLN A 54 2.84 -20.30 4.44
CA GLN A 54 3.01 -21.73 4.51
C GLN A 54 1.65 -22.43 4.47
N GLN A 55 0.96 -22.27 3.34
CA GLN A 55 -0.48 -22.59 3.23
C GLN A 55 -0.84 -23.05 1.85
N ALA A 56 -1.40 -24.26 1.81
CA ALA A 56 -1.69 -24.93 0.57
C ALA A 56 -3.16 -24.77 0.33
N THR A 57 -3.55 -24.24 -0.82
CA THR A 57 -4.95 -24.08 -1.14
C THR A 57 -5.21 -24.85 -2.42
N PRO A 58 -6.15 -25.82 -2.37
CA PRO A 58 -6.42 -26.69 -3.50
C PRO A 58 -7.21 -26.01 -4.63
N GLY A 59 -6.87 -26.36 -5.86
CA GLY A 59 -7.64 -25.98 -7.06
C GLY A 59 -8.55 -27.09 -7.57
N PRO A 60 -9.30 -26.83 -8.66
CA PRO A 60 -10.43 -27.67 -9.11
C PRO A 60 -10.07 -29.14 -9.38
N ALA A 61 -8.91 -29.39 -9.98
CA ALA A 61 -8.40 -30.77 -10.17
C ALA A 61 -8.02 -31.57 -8.89
N ASN A 62 -7.99 -30.94 -7.71
CA ASN A 62 -7.62 -31.65 -6.48
C ASN A 62 -8.67 -32.70 -6.14
N SER A 63 -8.21 -33.94 -5.94
CA SER A 63 -9.05 -35.10 -5.57
C SER A 63 -9.07 -35.42 -4.07
N GLY A 64 -8.30 -34.68 -3.28
CA GLY A 64 -8.23 -34.90 -1.84
C GLY A 64 -7.48 -36.18 -1.51
N ARG A 65 -6.51 -36.52 -2.34
CA ARG A 65 -5.57 -37.63 -2.09
C ARG A 65 -4.12 -37.12 -2.23
N GLU A 66 -3.99 -35.80 -2.29
CA GLU A 66 -2.72 -35.15 -2.55
C GLU A 66 -2.26 -34.47 -1.28
N THR A 67 -0.97 -34.58 -0.98
CA THR A 67 -0.32 -33.80 0.06
C THR A 67 0.82 -33.13 -0.63
N ILE A 68 0.96 -31.82 -0.44
CA ILE A 68 2.11 -31.08 -1.00
C ILE A 68 3.08 -30.73 0.12
N TYR A 69 4.37 -30.77 -0.19
CA TYR A 69 5.39 -30.52 0.80
C TYR A 69 6.16 -29.28 0.42
N PRO A 70 6.79 -28.63 1.39
CA PRO A 70 7.47 -27.39 1.07
C PRO A 70 8.72 -27.59 0.22
N ASN A 71 9.14 -28.82 -0.05
CA ASN A 71 10.21 -29.04 -1.03
C ASN A 71 9.61 -29.29 -2.44
N ALA A 72 8.34 -28.91 -2.58
CA ALA A 72 7.59 -29.02 -3.81
C ALA A 72 7.17 -30.44 -4.16
N SER A 73 7.57 -31.44 -3.36
CA SER A 73 7.13 -32.80 -3.68
C SER A 73 5.63 -32.94 -3.58
N LEU A 74 5.05 -33.73 -4.50
CA LEU A 74 3.64 -34.05 -4.42
C LEU A 74 3.42 -35.54 -4.22
N LEU A 75 2.64 -35.88 -3.20
CA LEU A 75 2.33 -37.27 -2.85
C LEU A 75 0.90 -37.51 -3.24
N ILE A 76 0.67 -38.59 -4.00
CA ILE A 76 -0.67 -38.99 -4.36
C ILE A 76 -0.87 -40.40 -3.90
N GLN A 77 -1.90 -40.57 -3.09
CA GLN A 77 -2.19 -41.83 -2.41
C GLN A 77 -3.47 -42.42 -2.96
N ASN A 78 -3.61 -43.75 -2.88
CA ASN A 78 -4.79 -44.45 -3.40
CA ASN A 78 -4.79 -44.43 -3.39
C ASN A 78 -5.03 -44.08 -4.86
N VAL A 79 -3.98 -44.24 -5.67
CA VAL A 79 -4.07 -43.85 -7.10
C VAL A 79 -5.04 -44.72 -7.89
N THR A 80 -5.77 -44.08 -8.80
CA THR A 80 -6.71 -44.74 -9.70
C THR A 80 -6.10 -44.74 -11.11
N GLN A 81 -6.67 -45.54 -12.02
CA GLN A 81 -6.27 -45.49 -13.43
C GLN A 81 -6.23 -44.06 -13.99
N ASN A 82 -7.21 -43.22 -13.65
CA ASN A 82 -7.31 -41.84 -14.19
C ASN A 82 -6.21 -40.88 -13.74
N ASP A 83 -5.53 -41.22 -12.63
CA ASP A 83 -4.37 -40.44 -12.20
C ASP A 83 -3.17 -40.67 -13.10
N THR A 84 -3.29 -41.63 -14.01
CA THR A 84 -2.19 -41.94 -14.87
C THR A 84 -1.89 -40.76 -15.76
N GLY A 85 -0.66 -40.68 -16.24
CA GLY A 85 -0.27 -39.64 -17.20
C GLY A 85 0.59 -38.51 -16.67
N PHE A 86 0.30 -37.30 -17.14
CA PHE A 86 1.20 -36.15 -16.98
C PHE A 86 0.82 -35.20 -15.85
N TYR A 87 1.85 -34.57 -15.27
CA TYR A 87 1.67 -33.55 -14.24
C TYR A 87 2.69 -32.45 -14.42
N THR A 88 2.29 -31.23 -14.08
CA THR A 88 3.19 -30.11 -14.30
C THR A 88 3.32 -29.26 -13.05
N LEU A 89 4.55 -28.94 -12.71
CA LEU A 89 4.86 -28.04 -11.61
C LEU A 89 5.24 -26.68 -12.14
N GLN A 90 4.61 -25.64 -11.62
CA GLN A 90 5.12 -24.31 -11.85
C GLN A 90 5.61 -23.71 -10.54
N VAL A 91 6.89 -23.40 -10.54
CA VAL A 91 7.53 -22.68 -9.45
C VAL A 91 7.57 -21.19 -9.78
N ILE A 92 7.09 -20.35 -8.87
CA ILE A 92 7.32 -18.91 -9.00
C ILE A 92 8.42 -18.44 -8.05
N LYS A 93 9.45 -17.81 -8.62
CA LYS A 93 10.57 -17.34 -7.84
C LYS A 93 10.25 -15.99 -7.22
N SER A 94 10.97 -15.65 -6.15
CA SER A 94 10.80 -14.36 -5.49
C SER A 94 10.84 -13.16 -6.43
N ASP A 95 11.54 -13.27 -7.55
CA ASP A 95 11.63 -12.16 -8.49
C ASP A 95 10.57 -12.25 -9.60
N LEU A 96 9.51 -13.02 -9.33
CA LEU A 96 8.40 -13.25 -10.26
C LEU A 96 8.83 -13.81 -11.60
N VAL A 97 9.90 -14.59 -11.61
CA VAL A 97 10.29 -15.33 -12.79
C VAL A 97 9.81 -16.75 -12.53
N ASN A 98 9.25 -17.42 -13.54
CA ASN A 98 8.74 -18.76 -13.29
C ASN A 98 9.56 -19.85 -13.95
N GLU A 99 9.27 -21.07 -13.55
CA GLU A 99 9.89 -22.25 -14.13
C GLU A 99 8.83 -23.34 -14.10
N GLU A 100 8.86 -24.22 -15.10
CA GLU A 100 7.96 -25.35 -15.20
C GLU A 100 8.73 -26.66 -15.31
N ALA A 101 8.05 -27.72 -14.98
CA ALA A 101 8.63 -29.02 -15.14
C ALA A 101 7.46 -29.91 -15.30
N THR A 102 7.57 -30.87 -16.18
CA THR A 102 6.48 -31.78 -16.40
C THR A 102 6.88 -33.11 -15.89
N GLY A 103 5.91 -33.74 -15.25
CA GLY A 103 6.13 -35.02 -14.68
C GLY A 103 5.10 -35.94 -15.25
N GLN A 104 5.43 -37.19 -15.11
CA GLN A 104 4.64 -38.33 -15.62
C GLN A 104 4.77 -39.63 -14.81
N PHE A 105 3.64 -40.34 -14.67
CA PHE A 105 3.65 -41.73 -14.18
C PHE A 105 2.47 -42.54 -14.74
N HIS A 106 2.66 -43.87 -14.77
CA HIS A 106 1.67 -44.81 -15.31
C HIS A 106 1.09 -45.66 -14.17
N VAL A 107 -0.23 -45.79 -14.10
CA VAL A 107 -0.83 -46.66 -13.10
C VAL A 107 -1.48 -47.91 -13.70
N TYR A 108 -0.96 -49.08 -13.30
CA TYR A 108 -1.51 -50.38 -13.71
C TYR A 108 -2.40 -51.06 -12.64
N PRO A 109 -3.18 -52.07 -13.03
CA PRO A 109 -4.14 -52.70 -12.08
C PRO A 109 -3.66 -53.91 -11.26
N HIS A 110 -4.40 -54.19 -10.18
CA HIS A 110 -4.14 -55.31 -9.25
C HIS A 110 -2.88 -55.06 -8.44
N GLN B 33 -9.21 47.26 25.84
CA GLN B 33 -8.43 47.07 24.57
C GLN B 33 -7.29 46.04 24.66
N ALA B 34 -6.81 45.72 25.86
CA ALA B 34 -5.86 44.60 26.06
C ALA B 34 -6.49 43.26 25.66
N ILE B 35 -7.83 43.19 25.76
CA ILE B 35 -8.60 42.05 25.25
C ILE B 35 -8.63 42.11 23.73
N ASN B 36 -9.02 43.26 23.17
CA ASN B 36 -9.00 43.43 21.73
C ASN B 36 -7.62 43.08 21.16
N GLN B 37 -6.56 43.34 21.94
CA GLN B 37 -5.21 42.99 21.53
C GLN B 37 -5.03 41.49 21.37
N ALA B 38 -5.50 40.71 22.34
CA ALA B 38 -5.43 39.24 22.26
C ALA B 38 -6.37 38.65 21.18
N VAL B 39 -7.52 39.30 21.00
CA VAL B 39 -8.47 38.90 19.98
C VAL B 39 -7.77 38.92 18.63
N ASN B 40 -7.13 40.05 18.32
CA ASN B 40 -6.41 40.18 17.06
C ASN B 40 -5.34 39.11 16.89
N ASN B 41 -4.58 38.86 17.95
CA ASN B 41 -3.61 37.78 17.91
C ASN B 41 -4.29 36.46 17.60
N LEU B 42 -5.40 36.15 18.28
CA LEU B 42 -6.04 34.85 18.04
C LEU B 42 -6.50 34.70 16.57
N ASN B 43 -7.21 35.71 16.08
CA ASN B 43 -7.67 35.73 14.70
C ASN B 43 -6.52 35.59 13.73
N GLU B 44 -5.55 36.49 13.77
CA GLU B 44 -4.48 36.46 12.80
C GLU B 44 -3.69 35.18 12.84
N ARG B 45 -3.52 34.61 14.02
CA ARG B 45 -2.92 33.30 14.08
C ARG B 45 -3.86 32.27 13.46
N ALA B 46 -5.16 32.39 13.73
CA ALA B 46 -6.16 31.44 13.24
C ALA B 46 -6.34 31.57 11.74
N LYS B 47 -6.11 32.75 11.21
CA LYS B 47 -6.22 32.97 9.79
C LYS B 47 -5.05 32.31 9.09
N THR B 48 -3.86 32.46 9.65
CA THR B 48 -2.68 31.83 9.13
C THR B 48 -2.87 30.34 9.19
N LEU B 49 -3.25 29.88 10.37
CA LEU B 49 -3.31 28.46 10.68
C LEU B 49 -4.30 27.75 9.78
N ALA B 50 -5.48 28.33 9.65
CA ALA B 50 -6.59 27.69 8.94
C ALA B 50 -6.66 28.05 7.46
N GLY B 51 -6.12 29.20 7.08
CA GLY B 51 -6.17 29.64 5.68
C GLY B 51 -4.82 29.77 4.99
N GLY B 52 -3.74 29.69 5.74
CA GLY B 52 -2.43 29.74 5.14
C GLY B 52 -1.95 28.40 4.60
N THR B 53 -0.80 28.48 3.97
CA THR B 53 -0.10 27.35 3.40
C THR B 53 1.36 27.34 3.86
N THR B 54 2.20 28.15 3.24
CA THR B 54 3.61 28.21 3.60
C THR B 54 3.90 28.34 5.12
N ASN B 55 3.11 29.17 5.78
CA ASN B 55 3.32 29.57 7.15
C ASN B 55 2.42 28.84 8.17
N SER B 56 1.51 27.98 7.71
CA SER B 56 0.63 27.20 8.63
C SER B 56 1.25 25.84 8.90
N PRO B 57 1.54 25.53 10.20
CA PRO B 57 1.95 24.16 10.48
C PRO B 57 0.82 23.14 10.34
N ALA B 58 -0.45 23.56 10.50
CA ALA B 58 -1.57 22.65 10.22
C ALA B 58 -1.53 22.18 8.75
N TYR B 59 -1.43 23.15 7.83
CA TYR B 59 -1.27 22.88 6.40
C TYR B 59 -0.08 21.98 6.10
N GLN B 60 1.12 22.39 6.48
CA GLN B 60 2.29 21.61 6.12
C GLN B 60 2.26 20.23 6.80
N ALA B 61 1.66 20.16 7.97
CA ALA B 61 1.56 18.86 8.62
C ALA B 61 0.70 17.99 7.73
N THR B 62 -0.44 18.54 7.32
CA THR B 62 -1.37 17.81 6.46
C THR B 62 -0.66 17.45 5.17
N LEU B 63 -0.08 18.43 4.50
CA LEU B 63 0.62 18.16 3.25
C LEU B 63 1.68 17.07 3.41
N LEU B 64 2.33 17.01 4.56
CA LEU B 64 3.42 16.07 4.76
C LEU B 64 2.93 14.65 4.88
N ALA B 65 1.86 14.45 5.64
CA ALA B 65 1.14 13.19 5.62
C ALA B 65 0.86 12.76 4.16
N LEU B 66 0.29 13.65 3.35
CA LEU B 66 -0.09 13.30 1.96
C LEU B 66 1.11 12.97 1.08
N ARG B 67 2.12 13.83 1.12
CA ARG B 67 3.30 13.65 0.32
C ARG B 67 4.12 12.46 0.77
N SER B 68 4.09 12.16 2.07
CA SER B 68 4.76 10.97 2.60
C SER B 68 4.24 9.68 1.99
N VAL B 69 2.92 9.59 1.87
CA VAL B 69 2.32 8.37 1.37
C VAL B 69 2.69 8.20 -0.09
N LEU B 70 2.80 9.32 -0.78
CA LEU B 70 3.14 9.34 -2.18
C LEU B 70 4.57 8.84 -2.37
N GLY B 71 5.50 9.38 -1.60
CA GLY B 71 6.86 8.89 -1.62
C GLY B 71 6.92 7.43 -1.20
N LEU B 72 6.12 7.03 -0.21
CA LEU B 72 6.10 5.64 0.21
C LEU B 72 5.83 4.78 -1.00
N TRP B 73 4.78 5.12 -1.74
CA TRP B 73 4.46 4.40 -2.96
C TRP B 73 5.50 4.57 -4.09
N ASN B 74 6.09 5.74 -4.25
CA ASN B 74 7.12 5.86 -5.27
C ASN B 74 8.35 5.11 -4.90
N SER B 75 8.56 4.91 -3.61
CA SER B 75 9.80 4.34 -3.13
C SER B 75 9.82 2.83 -3.08
N MET B 76 8.68 2.23 -2.80
CA MET B 76 8.62 0.80 -2.71
C MET B 76 7.40 0.22 -3.41
N GLY B 77 6.53 1.06 -3.97
CA GLY B 77 5.24 0.61 -4.49
C GLY B 77 5.42 -0.42 -5.58
N TYR B 78 6.44 -0.22 -6.41
CA TYR B 78 6.67 -1.07 -7.56
C TYR B 78 6.94 -2.51 -7.18
N ALA B 79 7.45 -2.74 -5.99
CA ALA B 79 7.82 -4.08 -5.54
C ALA B 79 6.70 -4.84 -4.89
N VAL B 80 5.52 -4.23 -4.76
CA VAL B 80 4.37 -4.96 -4.22
C VAL B 80 3.84 -6.02 -5.18
N ILE B 81 3.71 -7.26 -4.70
CA ILE B 81 3.20 -8.34 -5.53
C ILE B 81 1.68 -8.31 -5.56
N CYS B 82 1.10 -8.37 -6.75
CA CYS B 82 -0.35 -8.35 -6.88
C CYS B 82 -0.72 -9.37 -7.90
N GLY B 83 -1.98 -9.78 -7.92
CA GLY B 83 -2.48 -10.72 -8.94
C GLY B 83 -3.22 -11.95 -8.42
N GLY B 84 -3.03 -12.23 -7.15
CA GLY B 84 -3.61 -13.40 -6.54
C GLY B 84 -5.06 -13.59 -6.85
N TYR B 85 -5.41 -14.81 -7.22
CA TYR B 85 -6.77 -15.10 -7.49
C TYR B 85 -7.66 -14.90 -6.29
N THR B 86 -8.86 -14.41 -6.59
CA THR B 86 -9.91 -14.27 -5.60
C THR B 86 -10.74 -15.54 -5.53
N LYS B 87 -11.33 -15.91 -6.65
CA LYS B 87 -12.31 -16.99 -6.67
C LYS B 87 -11.61 -18.33 -6.86
N SER B 88 -10.74 -18.39 -7.87
CA SER B 88 -10.09 -19.62 -8.27
C SER B 88 -8.99 -19.39 -9.32
N PRO B 89 -8.04 -20.33 -9.40
CA PRO B 89 -6.94 -20.13 -10.33
C PRO B 89 -7.41 -20.13 -11.76
N GLY B 90 -8.65 -20.60 -12.00
CA GLY B 90 -9.20 -20.70 -13.35
C GLY B 90 -9.69 -19.41 -13.98
N GLU B 91 -9.33 -18.28 -13.40
CA GLU B 91 -9.80 -16.99 -13.88
C GLU B 91 -8.77 -16.22 -14.72
N ASN B 92 -7.55 -16.75 -14.84
CA ASN B 92 -6.40 -15.98 -15.36
C ASN B 92 -6.71 -14.47 -15.44
N ASN B 93 -7.16 -13.91 -14.32
CA ASN B 93 -7.24 -12.47 -14.11
C ASN B 93 -5.87 -11.84 -14.28
N GLN B 94 -5.84 -10.67 -14.90
CA GLN B 94 -4.57 -10.06 -15.22
C GLN B 94 -4.81 -8.69 -15.78
N LYS B 95 -4.03 -7.72 -15.34
CA LYS B 95 -4.25 -6.35 -15.73
C LYS B 95 -2.97 -5.53 -15.58
N ASP B 96 -2.80 -4.58 -16.48
CA ASP B 96 -1.69 -3.68 -16.44
C ASP B 96 -2.14 -2.33 -15.93
N PHE B 97 -1.36 -1.79 -15.02
CA PHE B 97 -1.66 -0.49 -14.42
C PHE B 97 -0.65 0.53 -14.87
N HIS B 98 -1.11 1.64 -15.44
CA HIS B 98 -0.19 2.59 -16.08
C HIS B 98 0.14 3.75 -15.15
N TYR B 99 1.42 4.08 -15.02
CA TYR B 99 1.86 5.28 -14.33
C TYR B 99 2.60 6.14 -15.34
N THR B 100 2.16 7.38 -15.51
CA THR B 100 2.68 8.24 -16.59
C THR B 100 2.84 9.73 -16.19
N GLY B 106 5.95 7.35 -18.91
CA GLY B 106 6.32 6.59 -17.73
C GLY B 106 6.17 5.09 -17.90
N THR B 107 5.85 4.39 -16.84
CA THR B 107 5.87 2.93 -16.81
C THR B 107 4.50 2.25 -16.69
N THR B 108 4.51 0.94 -16.83
CA THR B 108 3.34 0.12 -16.64
C THR B 108 3.64 -1.00 -15.62
N ILE B 109 2.70 -1.35 -14.77
CA ILE B 109 2.85 -2.50 -13.87
C ILE B 109 1.81 -3.59 -14.16
N ASN B 110 2.26 -4.84 -14.24
CA ASN B 110 1.40 -5.98 -14.46
C ASN B 110 0.97 -6.65 -13.17
N CYS B 111 -0.32 -7.00 -13.05
CA CYS B 111 -0.75 -7.93 -12.01
C CYS B 111 -1.31 -9.19 -12.60
N GLY B 112 -0.90 -10.32 -12.05
CA GLY B 112 -1.43 -11.62 -12.46
C GLY B 112 -0.31 -12.41 -13.07
N GLY B 113 0.48 -11.78 -13.91
CA GLY B 113 1.42 -12.51 -14.76
C GLY B 113 2.70 -12.90 -14.07
N SER B 114 3.71 -13.21 -14.89
CA SER B 114 5.07 -13.42 -14.41
C SER B 114 5.98 -13.53 -15.63
N THR B 115 7.27 -13.76 -15.39
CA THR B 115 8.24 -13.89 -16.46
C THR B 115 8.67 -15.34 -16.67
N ASN B 116 8.83 -15.72 -17.91
CA ASN B 116 9.28 -17.04 -18.22
C ASN B 116 10.75 -17.00 -18.09
N SER B 117 11.33 -18.09 -17.60
CA SER B 117 12.75 -18.12 -17.44
C SER B 117 13.38 -17.83 -18.78
N ASN B 118 14.09 -16.74 -18.85
CA ASN B 118 14.72 -16.34 -20.09
C ASN B 118 13.76 -15.73 -21.10
N GLY B 119 13.42 -14.46 -20.89
CA GLY B 119 12.58 -13.75 -21.81
C GLY B 119 11.13 -13.37 -21.61
N THR B 120 10.30 -14.07 -22.34
CA THR B 120 8.88 -13.91 -22.44
C THR B 120 8.03 -13.67 -21.23
N HIS B 121 6.87 -13.07 -21.47
CA HIS B 121 5.86 -12.83 -20.45
C HIS B 121 4.89 -13.96 -20.33
N SER B 122 4.65 -14.47 -19.13
CA SER B 122 3.65 -15.49 -18.91
C SER B 122 2.33 -14.90 -18.42
N TYR B 123 1.25 -15.45 -18.93
CA TYR B 123 -0.08 -15.04 -18.52
C TYR B 123 -0.46 -15.77 -17.23
N ASN B 124 0.20 -16.91 -16.95
CA ASN B 124 0.17 -17.55 -15.62
C ASN B 124 1.28 -17.11 -14.68
N GLY B 125 0.90 -16.57 -13.53
CA GLY B 125 1.88 -16.17 -12.57
C GLY B 125 1.29 -16.03 -11.19
N THR B 126 1.20 -14.81 -10.70
CA THR B 126 0.72 -14.59 -9.36
C THR B 126 -0.77 -14.94 -9.27
N ASN B 127 -1.48 -14.82 -10.40
CA ASN B 127 -2.89 -15.21 -10.50
C ASN B 127 -3.12 -16.69 -10.25
N THR B 128 -2.02 -17.43 -10.18
CA THR B 128 -2.00 -18.85 -9.96
C THR B 128 -2.15 -19.26 -8.47
N LEU B 129 -2.02 -18.31 -7.58
CA LEU B 129 -2.07 -18.53 -6.16
C LEU B 129 -3.08 -17.62 -5.51
N LYS B 130 -3.80 -18.12 -4.53
CA LYS B 130 -4.84 -17.37 -3.90
C LYS B 130 -4.27 -16.17 -3.24
N ALA B 131 -4.98 -15.08 -3.33
CA ALA B 131 -4.53 -13.86 -2.72
C ALA B 131 -4.94 -13.78 -1.30
N ASP B 132 -4.01 -13.46 -0.42
CA ASP B 132 -4.38 -13.00 0.90
C ASP B 132 -3.25 -12.39 1.71
N LYS B 133 -3.58 -11.96 2.91
CA LYS B 133 -2.63 -11.42 3.87
C LYS B 133 -1.32 -12.15 3.81
N ASN B 134 -0.25 -11.41 3.60
CA ASN B 134 1.06 -12.02 3.65
C ASN B 134 1.42 -12.81 2.43
N VAL B 135 0.67 -12.64 1.38
CA VAL B 135 1.00 -13.25 0.12
C VAL B 135 0.88 -12.21 -0.94
N SER B 136 -0.36 -11.83 -1.26
CA SER B 136 -0.59 -11.01 -2.43
C SER B 136 -1.82 -10.13 -2.37
N LEU B 137 -1.79 -9.05 -3.12
CA LEU B 137 -2.97 -8.23 -3.31
C LEU B 137 -3.76 -8.76 -4.47
N SER B 138 -5.07 -8.59 -4.42
CA SER B 138 -5.91 -8.94 -5.54
C SER B 138 -5.93 -7.78 -6.51
N ILE B 139 -6.15 -8.08 -7.79
CA ILE B 139 -6.39 -7.06 -8.83
C ILE B 139 -7.28 -5.93 -8.29
N GLU B 140 -8.37 -6.27 -7.62
CA GLU B 140 -9.30 -5.28 -7.12
C GLU B 140 -8.62 -4.38 -6.08
N GLN B 141 -7.89 -4.98 -5.15
CA GLN B 141 -7.18 -4.20 -4.17
C GLN B 141 -6.13 -3.26 -4.81
N TYR B 142 -5.38 -3.78 -5.77
CA TYR B 142 -4.38 -2.98 -6.40
C TYR B 142 -5.03 -1.84 -7.20
N GLU B 143 -6.21 -2.07 -7.77
CA GLU B 143 -6.84 -1.03 -8.56
C GLU B 143 -7.44 0.05 -7.65
N LYS B 144 -7.81 -0.30 -6.42
CA LYS B 144 -8.17 0.72 -5.48
C LYS B 144 -6.98 1.64 -5.23
N ILE B 145 -5.80 1.04 -5.11
CA ILE B 145 -4.64 1.80 -4.74
C ILE B 145 -4.18 2.66 -5.86
N HIS B 146 -4.08 2.04 -7.03
CA HIS B 146 -3.72 2.74 -8.23
C HIS B 146 -4.61 4.00 -8.41
N GLU B 147 -5.91 3.89 -8.10
CA GLU B 147 -6.86 5.00 -8.30
C GLU B 147 -6.54 6.10 -7.28
N ALA B 148 -6.43 5.71 -6.02
CA ALA B 148 -6.03 6.65 -4.99
C ALA B 148 -4.70 7.35 -5.34
N TYR B 149 -3.69 6.55 -5.63
CA TYR B 149 -2.43 7.10 -6.04
C TYR B 149 -2.57 8.12 -7.14
N GLN B 150 -3.28 7.75 -8.20
CA GLN B 150 -3.32 8.63 -9.36
C GLN B 150 -3.98 9.91 -9.00
N ILE B 151 -4.99 9.87 -8.15
CA ILE B 151 -5.65 11.07 -7.62
C ILE B 151 -4.74 11.91 -6.71
N LEU B 152 -4.21 11.30 -5.64
CA LEU B 152 -3.22 12.03 -4.89
C LEU B 152 -2.19 12.64 -5.81
N SER B 153 -1.61 11.86 -6.68
CA SER B 153 -0.48 12.33 -7.44
C SER B 153 -0.88 13.52 -8.27
N LYS B 154 -2.07 13.42 -8.85
CA LYS B 154 -2.54 14.48 -9.73
C LYS B 154 -2.88 15.75 -8.93
N ALA B 155 -3.69 15.62 -7.88
CA ALA B 155 -4.00 16.77 -7.03
C ALA B 155 -2.72 17.50 -6.59
N LEU B 156 -1.82 16.79 -5.95
CA LEU B 156 -0.65 17.45 -5.44
C LEU B 156 0.16 18.13 -6.54
N LYS B 157 0.47 17.44 -7.63
CA LYS B 157 1.26 18.04 -8.72
C LYS B 157 0.60 19.24 -9.39
N GLN B 158 -0.71 19.22 -9.57
CA GLN B 158 -1.35 20.20 -10.46
C GLN B 158 -2.12 21.30 -9.74
N ALA B 159 -2.96 20.95 -8.77
CA ALA B 159 -3.75 21.91 -8.03
C ALA B 159 -3.08 22.34 -6.74
N GLY B 160 -2.38 21.41 -6.10
CA GLY B 160 -1.78 21.63 -4.79
C GLY B 160 -2.83 21.39 -3.74
N LEU B 161 -2.40 21.12 -2.51
CA LEU B 161 -3.35 20.89 -1.44
C LEU B 161 -4.05 22.18 -1.13
N ALA B 162 -5.36 22.15 -1.07
CA ALA B 162 -6.08 23.38 -0.77
C ALA B 162 -5.83 23.80 0.67
N PRO B 163 -5.89 25.11 0.91
CA PRO B 163 -5.89 25.62 2.27
C PRO B 163 -6.97 24.93 3.05
N LEU B 164 -6.64 24.46 4.21
CA LEU B 164 -7.53 23.65 5.02
C LEU B 164 -8.94 24.15 5.17
N ASN B 165 -9.13 25.46 5.18
CA ASN B 165 -10.45 26.06 5.39
C ASN B 165 -11.27 26.22 4.12
N SER B 166 -10.77 25.75 2.99
CA SER B 166 -11.42 25.99 1.69
C SER B 166 -12.09 24.71 1.16
N LYS B 167 -13.18 24.86 0.43
CA LYS B 167 -13.84 23.72 -0.23
C LYS B 167 -12.98 23.06 -1.34
N GLY B 168 -11.90 23.73 -1.77
CA GLY B 168 -11.00 23.15 -2.77
C GLY B 168 -11.39 23.41 -4.22
N GLU B 169 -10.41 23.35 -5.10
CA GLU B 169 -10.64 23.30 -6.52
C GLU B 169 -11.10 21.89 -6.94
N LYS B 170 -11.70 21.82 -8.11
CA LYS B 170 -12.08 20.56 -8.75
C LYS B 170 -11.04 20.28 -9.81
N LEU B 171 -10.76 19.01 -10.07
CA LEU B 171 -9.72 18.59 -11.04
C LEU B 171 -10.05 17.21 -11.57
N GLU B 172 -9.30 16.75 -12.57
CA GLU B 172 -9.66 15.53 -13.26
C GLU B 172 -8.47 14.60 -13.32
N ALA B 173 -8.53 13.48 -12.60
CA ALA B 173 -7.48 12.50 -12.69
C ALA B 173 -7.80 11.48 -13.77
N HIS B 174 -6.78 11.11 -14.55
CA HIS B 174 -6.84 10.00 -15.49
C HIS B 174 -6.25 8.72 -14.91
N VAL B 175 -7.07 7.67 -14.83
CA VAL B 175 -6.61 6.37 -14.39
C VAL B 175 -6.71 5.44 -15.57
N THR B 176 -5.68 4.64 -15.80
CA THR B 176 -5.53 3.93 -17.06
C THR B 176 -4.94 2.54 -16.89
N THR B 177 -5.53 1.57 -17.58
CA THR B 177 -5.22 0.17 -17.39
C THR B 177 -5.31 -0.60 -18.69
N SER B 178 -4.74 -1.81 -18.73
CA SER B 178 -4.79 -2.66 -19.91
C SER B 178 -5.12 -4.10 -19.58
N LYS B 179 -5.63 -4.82 -20.59
CA LYS B 179 -5.93 -6.26 -20.49
C LYS B 179 -5.54 -6.93 -21.80
N TYR B 180 -5.74 -8.25 -21.89
CA TYR B 180 -5.60 -9.04 -23.14
C TYR B 180 -6.79 -10.01 -23.28
N GLN B 181 -6.92 -10.68 -24.43
CA GLN B 181 -8.03 -11.63 -24.65
C GLN B 181 -7.65 -12.69 -25.68
N THR B 186 -6.94 -7.27 -26.34
CA THR B 186 -6.29 -5.99 -26.01
C THR B 186 -7.29 -4.88 -25.80
N LYS B 187 -7.31 -4.34 -24.61
CA LYS B 187 -8.33 -3.41 -24.24
C LYS B 187 -7.74 -2.37 -23.31
N THR B 188 -7.77 -1.10 -23.69
CA THR B 188 -7.26 -0.06 -22.81
C THR B 188 -8.42 0.71 -22.24
N THR B 189 -8.36 0.93 -20.92
CA THR B 189 -9.43 1.66 -20.23
C THR B 189 -8.89 2.94 -19.55
N THR B 190 -9.71 3.99 -19.58
CA THR B 190 -9.31 5.21 -18.93
C THR B 190 -10.45 5.83 -18.19
N SER B 191 -10.29 6.00 -16.89
CA SER B 191 -11.29 6.64 -16.09
C SER B 191 -10.85 8.05 -15.87
N VAL B 192 -11.78 8.95 -16.02
CA VAL B 192 -11.53 10.35 -15.75
C VAL B 192 -12.34 10.66 -14.51
N ILE B 193 -11.70 11.07 -13.45
CA ILE B 193 -12.38 11.30 -12.20
C ILE B 193 -12.36 12.78 -11.84
N ASP B 194 -13.54 13.39 -11.81
CA ASP B 194 -13.72 14.68 -11.18
C ASP B 194 -13.50 14.50 -9.70
N THR B 195 -12.65 15.32 -9.14
CA THR B 195 -12.32 15.18 -7.75
C THR B 195 -11.85 16.54 -7.24
N THR B 196 -11.59 16.62 -5.93
CA THR B 196 -11.18 17.87 -5.30
C THR B 196 -9.91 17.72 -4.50
N ASN B 197 -9.20 18.85 -4.39
CA ASN B 197 -7.88 18.92 -3.74
C ASN B 197 -7.96 19.42 -2.30
N ASP B 198 -9.03 19.02 -1.61
CA ASP B 198 -9.24 19.42 -0.24
C ASP B 198 -8.78 18.32 0.68
N ALA B 199 -8.19 18.72 1.79
CA ALA B 199 -7.58 17.79 2.71
C ALA B 199 -8.38 16.52 2.93
N GLN B 200 -9.68 16.63 3.24
CA GLN B 200 -10.42 15.42 3.61
C GLN B 200 -10.47 14.41 2.48
N ASN B 201 -10.64 14.89 1.26
CA ASN B 201 -10.58 14.01 0.08
C ASN B 201 -9.25 13.33 -0.13
N LEU B 202 -8.20 14.11 -0.19
CA LEU B 202 -6.88 13.59 -0.50
C LEU B 202 -6.40 12.68 0.60
N LEU B 203 -6.80 12.97 1.85
CA LEU B 203 -6.50 12.08 2.95
C LEU B 203 -7.21 10.72 2.88
N THR B 204 -8.41 10.66 2.30
CA THR B 204 -9.09 9.40 2.10
C THR B 204 -8.30 8.63 1.07
N GLN B 205 -7.84 9.33 0.03
CA GLN B 205 -6.99 8.67 -0.94
C GLN B 205 -5.79 8.09 -0.24
N ALA B 206 -5.11 8.91 0.57
CA ALA B 206 -3.93 8.46 1.26
C ALA B 206 -4.27 7.24 2.08
N GLN B 207 -5.38 7.30 2.78
CA GLN B 207 -5.75 6.25 3.71
C GLN B 207 -5.93 4.89 3.02
N THR B 208 -6.52 4.93 1.84
CA THR B 208 -6.81 3.72 1.08
C THR B 208 -5.51 2.96 0.75
N ILE B 209 -4.44 3.71 0.50
CA ILE B 209 -3.17 3.09 0.22
C ILE B 209 -2.51 2.54 1.47
N VAL B 210 -2.48 3.33 2.52
CA VAL B 210 -1.84 2.86 3.74
C VAL B 210 -2.54 1.66 4.31
N ASN B 211 -3.86 1.72 4.40
CA ASN B 211 -4.59 0.64 5.05
C ASN B 211 -4.41 -0.68 4.35
N THR B 212 -4.33 -0.62 3.03
CA THR B 212 -4.25 -1.84 2.27
C THR B 212 -2.93 -2.54 2.54
N LEU B 213 -1.88 -1.76 2.50
CA LEU B 213 -0.57 -2.29 2.70
C LEU B 213 -0.46 -2.86 4.11
N LYS B 214 -0.99 -2.12 5.08
CA LYS B 214 -0.78 -2.53 6.46
C LYS B 214 -1.72 -3.67 6.82
N ASP B 215 -2.93 -3.68 6.32
CA ASP B 215 -3.81 -4.78 6.63
C ASP B 215 -3.50 -6.05 5.82
N TYR B 216 -2.89 -5.91 4.63
CA TYR B 216 -2.67 -7.10 3.78
C TYR B 216 -1.21 -7.56 3.62
N CYS B 217 -0.25 -6.66 3.83
CA CYS B 217 1.15 -7.05 3.90
C CYS B 217 1.55 -7.97 2.79
N PRO B 218 1.38 -7.54 1.54
CA PRO B 218 1.77 -8.40 0.47
C PRO B 218 3.28 -8.53 0.41
N ILE B 219 3.74 -9.62 -0.16
CA ILE B 219 5.15 -9.88 -0.32
C ILE B 219 5.72 -8.91 -1.33
N LEU B 220 7.00 -8.60 -1.14
CA LEU B 220 7.73 -7.74 -2.05
C LEU B 220 8.60 -8.54 -3.06
N ILE B 221 8.68 -8.04 -4.27
CA ILE B 221 9.56 -8.65 -5.29
C ILE B 221 11.02 -8.59 -4.84
N ALA B 222 11.78 -9.60 -5.20
CA ALA B 222 13.21 -9.63 -4.90
C ALA B 222 14.02 -9.33 -6.14
N LYS B 223 15.33 -9.21 -5.97
CA LYS B 223 16.23 -9.08 -7.09
C LYS B 223 16.57 -10.49 -7.57
N ASN B 235 20.01 -1.50 -10.63
CA ASN B 235 20.50 -1.38 -9.26
C ASN B 235 19.41 -1.50 -8.19
N THR B 236 19.82 -1.81 -6.95
CA THR B 236 18.87 -2.26 -5.94
C THR B 236 18.92 -1.48 -4.65
N PRO B 237 17.78 -0.92 -4.22
CA PRO B 237 17.82 -0.22 -2.96
C PRO B 237 17.99 -1.21 -1.81
N SER B 238 18.69 -0.76 -0.77
CA SER B 238 18.99 -1.55 0.42
C SER B 238 17.87 -2.52 0.80
N TRP B 239 16.70 -1.98 1.12
CA TRP B 239 15.56 -2.79 1.58
C TRP B 239 15.13 -3.96 0.67
N GLN B 240 15.46 -3.91 -0.61
CA GLN B 240 15.03 -4.95 -1.52
C GLN B 240 15.96 -6.14 -1.45
N THR B 241 17.22 -5.85 -1.25
CA THR B 241 18.17 -6.91 -1.09
C THR B 241 18.01 -7.46 0.32
N ALA B 242 17.02 -6.96 1.03
CA ALA B 242 16.83 -7.39 2.40
C ALA B 242 15.45 -7.86 2.74
N GLY B 243 14.46 -7.43 1.98
CA GLY B 243 13.10 -7.82 2.29
C GLY B 243 12.32 -8.48 1.21
N GLY B 244 12.90 -8.60 0.02
CA GLY B 244 12.20 -9.25 -1.06
C GLY B 244 11.94 -10.70 -0.72
N GLY B 245 10.74 -11.16 -0.96
CA GLY B 245 10.41 -12.53 -0.65
C GLY B 245 9.75 -12.62 0.69
N LYS B 246 9.75 -11.51 1.41
CA LYS B 246 9.15 -11.48 2.71
C LYS B 246 8.11 -10.40 2.74
N ASN B 247 7.08 -10.59 3.55
CA ASN B 247 6.03 -9.61 3.60
C ASN B 247 6.55 -8.22 3.78
N SER B 248 5.75 -7.27 3.33
CA SER B 248 6.07 -5.88 3.31
C SER B 248 5.99 -5.26 4.69
N CYS B 249 5.11 -5.80 5.55
CA CYS B 249 4.96 -5.31 6.92
C CYS B 249 6.06 -5.88 7.81
N ALA B 250 6.96 -6.68 7.27
CA ALA B 250 8.16 -7.08 8.03
C ALA B 250 9.35 -6.27 7.61
N THR B 251 9.28 -5.66 6.43
CA THR B 251 10.28 -4.69 6.01
C THR B 251 9.89 -3.29 6.41
N PHE B 252 8.62 -2.95 6.20
CA PHE B 252 8.10 -1.58 6.42
C PHE B 252 7.03 -1.47 7.51
N GLY B 253 6.95 -2.44 8.41
CA GLY B 253 6.01 -2.36 9.52
C GLY B 253 5.98 -1.00 10.18
N ALA B 254 7.15 -0.54 10.62
CA ALA B 254 7.23 0.77 11.32
C ALA B 254 6.74 1.90 10.47
N GLU B 255 7.12 1.88 9.20
CA GLU B 255 6.82 2.92 8.25
C GLU B 255 5.33 3.00 7.93
N PHE B 256 4.68 1.85 7.79
CA PHE B 256 3.22 1.83 7.59
C PHE B 256 2.51 2.30 8.85
N SER B 257 3.04 1.97 10.02
CA SER B 257 2.45 2.48 11.25
C SER B 257 2.48 3.97 11.29
N ALA B 258 3.66 4.53 11.05
CA ALA B 258 3.85 5.98 11.09
C ALA B 258 2.98 6.69 10.09
N ALA B 259 2.79 6.05 8.93
CA ALA B 259 1.98 6.63 7.91
C ALA B 259 0.54 6.57 8.33
N SER B 260 0.13 5.47 8.93
CA SER B 260 -1.22 5.33 9.42
C SER B 260 -1.52 6.47 10.35
N ASP B 261 -0.59 6.75 11.27
CA ASP B 261 -0.81 7.80 12.28
C ASP B 261 -0.76 9.21 11.73
N MET B 262 0.09 9.47 10.74
CA MET B 262 0.08 10.77 10.10
C MET B 262 -1.27 11.06 9.50
N ILE B 263 -1.89 10.05 8.87
CA ILE B 263 -3.21 10.23 8.27
C ILE B 263 -4.24 10.55 9.33
N ASN B 264 -4.26 9.77 10.41
CA ASN B 264 -5.15 10.10 11.54
C ASN B 264 -4.99 11.50 12.06
N ASN B 265 -3.76 11.87 12.36
CA ASN B 265 -3.57 13.11 13.04
C ASN B 265 -3.90 14.26 12.10
N ALA B 266 -3.49 14.13 10.84
CA ALA B 266 -3.90 15.08 9.81
C ALA B 266 -5.39 15.16 9.72
N GLN B 267 -6.05 14.03 9.79
CA GLN B 267 -7.49 14.06 9.72
C GLN B 267 -8.01 14.87 10.89
N LYS B 268 -7.52 14.55 12.08
CA LYS B 268 -7.95 15.27 13.27
C LYS B 268 -7.62 16.78 13.20
N ILE B 269 -6.54 17.14 12.52
CA ILE B 269 -6.21 18.56 12.34
C ILE B 269 -7.28 19.22 11.49
N VAL B 270 -7.69 18.55 10.44
CA VAL B 270 -8.74 19.12 9.62
C VAL B 270 -10.01 19.34 10.46
N GLN B 271 -10.40 18.34 11.26
CA GLN B 271 -11.59 18.50 12.07
C GLN B 271 -11.53 19.77 12.87
N GLU B 272 -10.45 19.90 13.63
CA GLU B 272 -10.23 21.05 14.50
C GLU B 272 -10.18 22.39 13.75
N THR B 273 -9.70 22.38 12.53
CA THR B 273 -9.71 23.59 11.73
C THR B 273 -11.11 23.97 11.32
N GLN B 274 -11.92 22.97 10.99
CA GLN B 274 -13.29 23.29 10.66
C GLN B 274 -13.86 24.08 11.83
N GLN B 275 -13.65 23.57 13.03
CA GLN B 275 -14.37 24.09 14.18
C GLN B 275 -13.60 25.25 14.88
N LEU B 276 -12.34 25.42 14.52
CA LEU B 276 -11.66 26.66 14.73
C LEU B 276 -12.32 27.75 13.93
N SER B 277 -12.60 27.50 12.67
CA SER B 277 -13.30 28.52 11.87
C SER B 277 -14.69 28.84 12.47
N ALA B 278 -15.30 27.88 13.16
CA ALA B 278 -16.62 28.10 13.76
C ALA B 278 -16.62 29.24 14.79
N ASN B 279 -15.47 29.47 15.44
CA ASN B 279 -15.37 30.41 16.58
C ASN B 279 -14.43 31.61 16.37
N GLN B 280 -14.96 32.69 15.78
CA GLN B 280 -14.17 33.90 15.45
C GLN B 280 -14.71 35.10 16.23
N PRO B 281 -14.00 35.51 17.33
CA PRO B 281 -14.40 36.64 18.21
C PRO B 281 -14.71 37.99 17.52
N ASN B 293 -21.15 46.88 24.96
CA ASN B 293 -20.34 45.79 25.51
C ASN B 293 -20.89 45.34 26.87
N SER B 294 -21.93 44.51 26.78
CA SER B 294 -22.61 43.93 27.92
C SER B 294 -21.91 42.66 28.42
N PRO B 295 -22.31 42.15 29.61
CA PRO B 295 -21.97 40.78 29.98
C PRO B 295 -22.14 39.76 28.83
N SER B 296 -23.25 39.84 28.09
CA SER B 296 -23.55 38.90 26.98
C SER B 296 -22.51 38.82 25.85
N SER B 297 -21.95 39.97 25.49
CA SER B 297 -20.91 40.03 24.46
C SER B 297 -19.55 39.67 25.03
N LEU B 298 -19.35 40.02 26.30
CA LEU B 298 -18.17 39.60 27.06
C LEU B 298 -18.10 38.10 27.37
N THR B 299 -19.23 37.41 27.34
CA THR B 299 -19.27 35.96 27.59
C THR B 299 -19.22 35.19 26.28
N ALA B 300 -20.11 35.56 25.34
CA ALA B 300 -20.20 34.89 24.05
C ALA B 300 -18.85 34.90 23.37
N LEU B 301 -18.38 36.11 23.05
CA LEU B 301 -17.09 36.30 22.39
C LEU B 301 -16.04 36.48 23.50
N ALA B 302 -15.50 35.33 23.90
CA ALA B 302 -14.77 35.09 25.13
C ALA B 302 -14.81 33.59 25.42
N GLN B 303 -15.98 32.97 25.23
CA GLN B 303 -16.10 31.50 25.16
C GLN B 303 -15.45 31.06 23.89
N LYS B 304 -15.74 31.83 22.85
CA LYS B 304 -15.04 31.80 21.58
C LYS B 304 -13.53 31.85 21.75
N MET B 305 -13.05 32.72 22.62
CA MET B 305 -11.61 32.81 22.87
C MET B 305 -11.09 31.48 23.40
N LEU B 306 -11.75 30.93 24.43
CA LEU B 306 -11.29 29.67 25.02
C LEU B 306 -11.37 28.55 24.00
N LYS B 307 -12.51 28.42 23.34
CA LYS B 307 -12.67 27.40 22.30
C LYS B 307 -11.56 27.57 21.23
N ASN B 308 -11.35 28.80 20.79
CA ASN B 308 -10.42 29.08 19.71
C ASN B 308 -8.96 28.87 20.11
N ALA B 309 -8.56 29.27 21.30
CA ALA B 309 -7.20 29.00 21.76
C ALA B 309 -6.97 27.49 21.97
N GLN B 310 -7.91 26.83 22.65
CA GLN B 310 -7.87 25.38 22.84
C GLN B 310 -7.68 24.65 21.50
N SER B 311 -8.32 25.17 20.45
CA SER B 311 -8.13 24.62 19.11
C SER B 311 -6.74 24.89 18.58
N GLN B 312 -6.29 26.13 18.65
CA GLN B 312 -4.98 26.45 18.14
C GLN B 312 -3.95 25.46 18.74
N ALA B 313 -4.10 25.17 20.02
CA ALA B 313 -3.10 24.41 20.74
C ALA B 313 -3.09 22.97 20.28
N GLU B 314 -4.28 22.38 20.25
CA GLU B 314 -4.42 20.99 19.86
C GLU B 314 -3.84 20.77 18.46
N ILE B 315 -4.08 21.72 17.56
CA ILE B 315 -3.59 21.69 16.20
C ILE B 315 -2.08 21.65 16.16
N LEU B 316 -1.45 22.37 17.07
CA LEU B 316 -0.01 22.40 17.12
C LEU B 316 0.50 21.13 17.76
N LYS B 317 -0.29 20.57 18.66
CA LYS B 317 0.06 19.30 19.25
C LYS B 317 0.10 18.24 18.15
N LEU B 318 -0.94 18.18 17.33
CA LEU B 318 -1.04 17.18 16.28
C LEU B 318 -0.03 17.41 15.19
N ALA B 319 0.14 18.67 14.81
CA ALA B 319 1.16 19.03 13.82
C ALA B 319 2.55 18.55 14.26
N ASN B 320 2.84 18.66 15.56
CA ASN B 320 4.09 18.14 16.15
C ASN B 320 4.15 16.61 16.13
N GLN B 321 3.04 15.95 16.44
CA GLN B 321 2.98 14.50 16.42
C GLN B 321 3.24 13.97 15.01
N VAL B 322 2.77 14.70 14.00
CA VAL B 322 3.00 14.31 12.61
C VAL B 322 4.48 14.43 12.27
N GLU B 323 5.11 15.50 12.73
CA GLU B 323 6.57 15.64 12.57
C GLU B 323 7.32 14.47 13.23
N SER B 324 6.83 14.02 14.37
CA SER B 324 7.41 12.88 15.03
C SER B 324 7.21 11.57 14.21
N ASP B 325 6.02 11.34 13.67
CA ASP B 325 5.79 10.13 12.87
C ASP B 325 6.58 10.18 11.55
N PHE B 326 6.67 11.35 10.95
CA PHE B 326 7.56 11.48 9.80
C PHE B 326 8.99 11.01 10.10
N ASN B 327 9.49 11.33 11.29
CA ASN B 327 10.83 10.87 11.65
C ASN B 327 10.88 9.37 11.72
N LYS B 328 9.80 8.79 12.23
CA LYS B 328 9.71 7.34 12.33
C LYS B 328 9.71 6.78 10.93
N LEU B 329 8.89 7.40 10.10
CA LEU B 329 8.78 7.01 8.70
C LEU B 329 10.12 6.96 7.96
N SER B 330 10.89 8.02 8.11
CA SER B 330 12.06 8.26 7.28
C SER B 330 13.38 7.87 7.96
N SER B 331 13.32 7.20 9.12
CA SER B 331 14.55 6.84 9.81
C SER B 331 14.97 5.40 9.62
N GLY B 332 14.18 4.61 8.89
CA GLY B 332 14.51 3.20 8.70
C GLY B 332 15.02 2.88 7.31
N HIS B 333 14.43 1.86 6.70
CA HIS B 333 14.79 1.49 5.33
C HIS B 333 14.60 2.59 4.28
N LEU B 334 13.70 3.55 4.49
CA LEU B 334 13.51 4.63 3.51
C LEU B 334 14.37 5.87 3.76
N LYS B 335 15.23 5.86 4.78
CA LYS B 335 16.01 7.06 5.11
C LYS B 335 16.70 7.62 3.89
N ASP B 336 17.37 6.76 3.11
CA ASP B 336 18.15 7.19 1.95
C ASP B 336 17.37 7.31 0.61
N TYR B 337 16.06 7.17 0.65
CA TYR B 337 15.32 7.01 -0.59
C TYR B 337 14.16 8.00 -0.69
N ILE B 338 13.24 7.97 0.26
CA ILE B 338 12.27 9.01 0.30
C ILE B 338 13.04 10.31 0.58
N GLY B 339 12.55 11.43 0.10
CA GLY B 339 13.40 12.64 0.16
C GLY B 339 14.23 12.90 -1.09
N LYS B 340 14.65 11.84 -1.78
CA LYS B 340 15.35 11.93 -3.08
C LYS B 340 14.44 11.93 -4.32
N CYS B 341 15.05 12.16 -5.48
CA CYS B 341 14.42 11.90 -6.76
C CYS B 341 15.43 11.72 -7.90
N ASP B 342 14.98 11.04 -8.96
CA ASP B 342 15.68 10.87 -10.28
C ASP B 342 16.43 9.55 -10.33
N ASN B 358 12.21 6.87 -15.50
CA ASN B 358 11.85 5.90 -14.47
C ASN B 358 12.27 6.32 -13.03
N ASN B 359 11.30 6.81 -12.27
CA ASN B 359 11.54 7.37 -10.96
C ASN B 359 11.19 6.43 -9.82
N TRP B 360 10.89 5.17 -10.11
CA TRP B 360 10.52 4.26 -9.03
C TRP B 360 11.73 4.14 -8.16
N GLY B 361 11.50 3.90 -6.89
CA GLY B 361 12.59 3.55 -5.99
C GLY B 361 13.02 4.69 -5.11
N ASN B 362 12.53 5.89 -5.41
CA ASN B 362 12.67 6.99 -4.48
C ASN B 362 11.51 7.97 -4.54
N GLY B 363 11.32 8.67 -3.43
CA GLY B 363 10.04 9.25 -3.08
C GLY B 363 9.56 10.30 -4.02
N CYS B 364 10.48 11.11 -4.54
CA CYS B 364 10.12 12.09 -5.51
C CYS B 364 8.86 12.80 -5.10
N ALA B 365 8.71 13.24 -3.86
CA ALA B 365 7.43 13.79 -3.42
C ALA B 365 7.52 15.14 -2.70
N GLY B 366 8.71 15.73 -2.64
CA GLY B 366 8.91 16.99 -1.93
C GLY B 366 8.77 16.95 -0.42
N VAL B 367 8.92 15.78 0.17
CA VAL B 367 8.82 15.69 1.62
C VAL B 367 9.88 16.51 2.35
N GLU B 368 11.11 16.61 1.82
CA GLU B 368 12.15 17.39 2.50
C GLU B 368 11.73 18.85 2.61
N GLU B 369 11.24 19.41 1.50
CA GLU B 369 10.74 20.79 1.48
C GLU B 369 9.71 20.97 2.59
N THR B 370 8.72 20.10 2.59
CA THR B 370 7.57 20.22 3.47
C THR B 370 7.99 20.01 4.89
N GLN B 371 8.97 19.15 5.11
CA GLN B 371 9.47 18.92 6.46
C GLN B 371 10.12 20.14 7.09
N SER B 372 11.07 20.79 6.41
CA SER B 372 11.68 21.96 7.03
C SER B 372 10.64 23.03 7.26
N LEU B 373 9.69 23.20 6.33
CA LEU B 373 8.66 24.25 6.50
C LEU B 373 7.70 23.98 7.64
N LEU B 374 7.38 22.71 7.83
CA LEU B 374 6.62 22.34 9.01
C LEU B 374 7.42 22.66 10.30
N LYS B 375 8.75 22.48 10.27
CA LYS B 375 9.56 22.74 11.45
C LYS B 375 9.54 24.22 11.73
N THR B 376 10.01 24.98 10.75
CA THR B 376 9.96 26.44 10.77
C THR B 376 8.61 27.02 11.28
N SER B 377 7.53 26.84 10.51
CA SER B 377 6.20 27.29 10.92
C SER B 377 5.84 26.86 12.34
N ALA B 378 6.09 25.60 12.68
CA ALA B 378 5.67 25.07 13.97
C ALA B 378 6.39 25.81 15.03
N ALA B 379 7.67 26.08 14.79
CA ALA B 379 8.49 26.79 15.77
C ALA B 379 8.06 28.25 15.94
N ASP B 380 7.48 28.84 14.90
CA ASP B 380 6.95 30.22 15.00
C ASP B 380 5.78 30.30 15.95
N PHE B 381 4.96 29.28 15.90
CA PHE B 381 3.71 29.26 16.63
C PHE B 381 4.03 28.88 18.04
N ASN B 382 4.80 27.81 18.17
CA ASN B 382 5.37 27.43 19.43
C ASN B 382 5.87 28.69 20.14
N ASN B 383 6.70 29.45 19.44
CA ASN B 383 7.26 30.69 19.98
C ASN B 383 6.22 31.69 20.40
N GLN B 384 5.05 31.66 19.78
CA GLN B 384 3.93 32.55 20.15
C GLN B 384 3.04 31.98 21.24
N THR B 385 3.49 30.94 21.96
CA THR B 385 2.70 30.35 23.06
C THR B 385 2.38 31.30 24.24
N PRO B 386 3.21 32.34 24.50
CA PRO B 386 2.68 33.34 25.44
C PRO B 386 1.29 33.87 25.05
N GLN B 387 1.14 34.38 23.83
CA GLN B 387 -0.15 34.92 23.36
C GLN B 387 -1.34 34.04 23.75
N ILE B 388 -1.20 32.73 23.60
CA ILE B 388 -2.26 31.75 23.90
C ILE B 388 -2.41 31.48 25.39
N ASN B 389 -1.29 31.40 26.11
CA ASN B 389 -1.37 31.37 27.55
C ASN B 389 -2.11 32.60 28.00
N GLN B 390 -1.57 33.76 27.61
CA GLN B 390 -2.02 35.05 28.13
C GLN B 390 -3.36 35.51 27.51
N ALA B 391 -3.82 34.83 26.44
CA ALA B 391 -5.21 34.97 25.94
C ALA B 391 -6.21 34.10 26.72
N GLN B 392 -5.82 32.86 27.02
CA GLN B 392 -6.67 31.95 27.82
C GLN B 392 -6.98 32.45 29.23
N ASN B 393 -6.04 33.16 29.85
CA ASN B 393 -6.27 33.77 31.16
C ASN B 393 -7.40 34.77 31.09
N LEU B 394 -7.25 35.73 30.19
CA LEU B 394 -8.24 36.79 29.99
C LEU B 394 -9.68 36.25 29.93
N ALA B 395 -9.86 35.13 29.22
CA ALA B 395 -11.16 34.51 29.08
C ALA B 395 -11.65 33.94 30.41
N ASN B 396 -10.77 33.19 31.07
CA ASN B 396 -11.07 32.61 32.38
C ASN B 396 -11.35 33.68 33.43
N THR B 397 -10.63 34.79 33.34
CA THR B 397 -10.89 35.94 34.17
C THR B 397 -12.36 36.31 34.02
N LEU B 398 -12.79 36.56 32.79
CA LEU B 398 -14.16 37.02 32.53
C LEU B 398 -15.20 36.10 33.15
N ILE B 399 -15.16 34.83 32.76
CA ILE B 399 -16.10 33.83 33.27
C ILE B 399 -15.92 33.67 34.78
BR BR C . -8.53 -2.73 -18.82
BR BR D . 11.98 15.18 -4.06
BR BR E . 0.93 31.76 4.24
#